data_9M9V
#
_entry.id   9M9V
#
_cell.length_a   1.00
_cell.length_b   1.00
_cell.length_c   1.00
_cell.angle_alpha   90.00
_cell.angle_beta   90.00
_cell.angle_gamma   90.00
#
_symmetry.space_group_name_H-M   'P 1'
#
loop_
_entity.id
_entity.type
_entity.pdbx_description
1 polymer 'Isoform 2 of Solute carrier family 22 member 6'
2 non-polymer '{[2-(6-AMINO-9H-PURIN-9-YL)ETHOXY]METHYL}PHOSPHONIC ACID'
#
_entity_poly.entity_id   1
_entity_poly.type   'polypeptide(L)'
_entity_poly.pdbx_seq_one_letter_code
;MAFNDLLQQVGGVGRFQQIQVTLVVLPLLLMASHNTLQNFTAAIPTHHCRPPADANLSKNGGLEVWLPRDRQGQPESCLR
FTSPQWGLPFLNGTEANGTGATEPCTDGWIYDNSTFPSTIVTEWDLVCSHRALRQLAQSLYMVGVLLGAMVFGYLADRLG
RRKVLILNYLQTAVSGTCAAFAPNFPIYCAFRLLSGMALAGISLNCMTLNVEWMPIHTRACVGTLIGYVYSLGQFLLAGV
AYAVPHWRHLQLLVSAPFFAFFIYSWFFIESARWHSSSGRLDLTLRALQRVARINGKREEGAKLSMEVLRASLQKELTMG
KGQASAMELLRCPTLRHLFLCLSMLWFATSFAYYGLVMDLQGFGVSIYLIQVIFGAVDLPAKLVGFLVINSLGRRPAQMA
ALLLAGICILLNGVIPQDQSIVRTSLAVLGKGCLAASFNCIFLYTGELYPTMIRQTGMGMGSTMARVGSIVSPLVSMTAE
LYPSMPLFIYGAVPVAASAVTVLLPETLGQPLPDTVQDLESRHHHHHHHHHHGSVEDYKDDDDK
;
_entity_poly.pdbx_strand_id   A
#
# COMPACT_ATOMS: atom_id res chain seq x y z
N PHE A 3 -0.97 -11.93 29.84
CA PHE A 3 -0.59 -10.55 29.60
C PHE A 3 -1.83 -9.71 29.52
N ASN A 4 -2.91 -10.23 28.93
CA ASN A 4 -4.10 -9.40 28.76
C ASN A 4 -4.72 -9.08 30.09
N ASP A 5 -4.57 -9.98 31.05
CA ASP A 5 -5.10 -9.70 32.38
C ASP A 5 -4.28 -8.56 32.97
N LEU A 6 -2.98 -8.55 32.68
CA LEU A 6 -2.10 -7.53 33.25
C LEU A 6 -2.26 -6.16 32.57
N LEU A 7 -2.46 -6.15 31.26
CA LEU A 7 -2.62 -4.89 30.55
C LEU A 7 -3.85 -4.23 31.09
N GLN A 8 -4.90 -5.01 31.31
CA GLN A 8 -6.14 -4.47 31.86
C GLN A 8 -5.98 -3.99 33.29
N GLN A 9 -5.10 -4.66 34.05
CA GLN A 9 -4.81 -4.21 35.42
C GLN A 9 -4.27 -2.81 35.36
N VAL A 10 -3.40 -2.59 34.38
CA VAL A 10 -2.74 -1.30 34.25
C VAL A 10 -3.60 -0.39 33.40
N GLY A 11 -4.80 -0.08 33.88
CA GLY A 11 -5.64 0.86 33.17
C GLY A 11 -6.49 0.23 32.11
N GLY A 12 -7.59 0.90 31.74
CA GLY A 12 -8.44 0.39 30.69
C GLY A 12 -8.48 1.31 29.48
N VAL A 13 -7.62 1.06 28.50
CA VAL A 13 -7.57 1.87 27.27
C VAL A 13 -7.54 3.34 27.63
N GLY A 14 -6.85 3.69 28.70
CA GLY A 14 -6.86 5.09 29.11
C GLY A 14 -5.59 5.84 29.38
N ARG A 15 -5.35 6.96 28.69
CA ARG A 15 -4.22 7.84 28.98
C ARG A 15 -2.79 7.50 28.58
N PHE A 16 -2.55 6.39 27.87
CA PHE A 16 -1.21 6.12 27.35
C PHE A 16 -1.54 5.54 26.01
N GLN A 17 -2.30 4.46 26.02
CA GLN A 17 -2.77 3.90 24.76
C GLN A 17 -3.37 4.97 23.88
N GLN A 18 -4.10 5.91 24.45
CA GLN A 18 -4.63 7.02 23.65
C GLN A 18 -3.50 7.86 23.06
N ILE A 19 -2.53 8.27 23.87
CA ILE A 19 -1.41 9.10 23.39
C ILE A 19 -0.55 8.35 22.40
N GLN A 20 -0.03 7.19 22.77
CA GLN A 20 0.86 6.44 21.88
C GLN A 20 0.18 5.99 20.62
N VAL A 21 -1.07 5.54 20.64
CA VAL A 21 -1.67 5.03 19.41
C VAL A 21 -1.93 6.19 18.46
N THR A 22 -2.39 7.34 18.95
CA THR A 22 -2.56 8.50 18.09
C THR A 22 -1.24 8.76 17.39
N LEU A 23 -0.15 8.84 18.15
CA LEU A 23 1.16 9.14 17.59
C LEU A 23 1.71 8.10 16.63
N VAL A 24 1.48 6.82 16.89
CA VAL A 24 2.00 5.74 16.04
C VAL A 24 1.17 5.58 14.76
N VAL A 25 -0.11 5.95 14.75
CA VAL A 25 -0.96 5.90 13.54
C VAL A 25 -0.92 7.18 12.69
N LEU A 26 -0.40 8.27 13.24
CA LEU A 26 -0.25 9.50 12.46
C LEU A 26 0.67 9.36 11.25
N PRO A 27 1.78 8.61 11.36
CA PRO A 27 2.59 8.39 10.17
C PRO A 27 1.84 7.69 9.05
N LEU A 28 0.94 6.79 9.39
CA LEU A 28 0.24 6.02 8.35
C LEU A 28 -0.56 6.91 7.41
N LEU A 29 -0.86 8.13 7.85
CA LEU A 29 -1.59 9.06 6.99
C LEU A 29 -0.81 9.25 5.71
N LEU A 30 0.52 9.29 5.81
CA LEU A 30 1.37 9.55 4.64
C LEU A 30 1.89 8.33 3.92
N MET A 31 1.34 7.15 4.21
CA MET A 31 1.72 5.94 3.50
C MET A 31 1.05 5.99 2.17
N ALA A 32 -0.21 6.39 2.12
CA ALA A 32 -0.90 6.52 0.84
C ALA A 32 -0.22 7.56 0.02
N SER A 33 0.22 8.62 0.66
CA SER A 33 0.87 9.70 -0.06
C SER A 33 2.11 9.22 -0.75
N HIS A 34 2.89 8.34 -0.13
CA HIS A 34 4.10 7.78 -0.75
C HIS A 34 3.88 6.68 -1.76
N ASN A 35 3.00 5.72 -1.45
CA ASN A 35 2.73 4.60 -2.35
C ASN A 35 2.25 5.11 -3.69
N THR A 36 1.32 6.05 -3.70
CA THR A 36 0.73 6.55 -4.94
C THR A 36 1.23 7.94 -5.31
N LEU A 37 2.41 8.33 -4.82
CA LEU A 37 2.97 9.64 -5.07
C LEU A 37 3.29 9.79 -6.51
N GLN A 38 3.63 8.72 -7.22
CA GLN A 38 4.04 8.88 -8.62
C GLN A 38 2.92 9.28 -9.54
N ASN A 39 1.68 9.15 -9.12
CA ASN A 39 0.62 9.65 -9.96
C ASN A 39 0.79 11.14 -10.14
N PHE A 40 1.34 11.83 -9.13
CA PHE A 40 1.55 13.27 -9.19
C PHE A 40 3.01 13.71 -9.43
N THR A 41 4.00 12.99 -8.87
CA THR A 41 5.41 13.32 -9.07
C THR A 41 5.92 12.82 -10.40
N ALA A 42 5.21 11.89 -11.06
CA ALA A 42 5.58 11.39 -12.36
C ALA A 42 4.55 11.57 -13.44
N ALA A 43 3.60 12.47 -13.26
CA ALA A 43 2.55 12.65 -14.23
C ALA A 43 3.17 12.94 -15.56
N ILE A 44 2.53 12.55 -16.64
CA ILE A 44 3.10 12.72 -17.97
C ILE A 44 2.49 13.95 -18.63
N PRO A 45 3.24 15.07 -18.70
CA PRO A 45 2.68 16.21 -19.42
C PRO A 45 2.66 15.89 -20.90
N THR A 46 1.82 16.57 -21.69
CA THR A 46 1.80 16.37 -23.13
C THR A 46 3.13 16.81 -23.69
N HIS A 47 3.82 15.91 -24.38
CA HIS A 47 5.13 16.23 -24.91
C HIS A 47 5.09 16.16 -26.41
N HIS A 48 5.76 17.07 -27.09
CA HIS A 48 5.84 17.01 -28.52
C HIS A 48 7.28 17.32 -28.71
N CYS A 49 7.83 16.92 -29.82
CA CYS A 49 9.25 17.12 -30.04
C CYS A 49 9.69 18.54 -30.21
N ARG A 50 10.91 18.82 -29.78
CA ARG A 50 11.44 20.16 -29.92
C ARG A 50 11.88 20.35 -31.37
N PRO A 51 11.40 21.42 -32.04
CA PRO A 51 11.85 21.68 -33.40
C PRO A 51 13.34 21.94 -33.42
N PRO A 52 14.02 21.63 -34.54
CA PRO A 52 15.45 21.96 -34.59
C PRO A 52 15.62 23.46 -34.49
N ALA A 53 16.56 23.92 -33.67
CA ALA A 53 16.73 25.34 -33.46
C ALA A 53 17.00 26.09 -34.76
N ASP A 54 17.64 25.41 -35.72
CA ASP A 54 17.99 26.06 -36.96
C ASP A 54 16.75 26.71 -37.59
N ALA A 55 15.61 26.04 -37.49
CA ALA A 55 14.38 26.57 -38.05
C ALA A 55 13.17 26.14 -37.22
N LEU A 63 5.50 25.12 -34.60
CA LEU A 63 5.43 23.66 -34.59
C LEU A 63 4.77 23.04 -35.82
N GLU A 64 3.87 23.76 -36.48
CA GLU A 64 3.14 23.20 -37.62
C GLU A 64 4.04 22.57 -38.69
N VAL A 65 5.16 23.22 -39.00
CA VAL A 65 6.08 22.74 -40.05
C VAL A 65 6.99 21.64 -39.57
N TRP A 66 7.33 21.61 -38.29
CA TRP A 66 8.31 20.63 -37.78
C TRP A 66 7.75 19.44 -37.01
N LEU A 67 6.42 19.29 -36.95
CA LEU A 67 5.83 18.20 -36.19
C LEU A 67 4.81 17.34 -36.95
N PRO A 68 5.09 16.02 -37.10
CA PRO A 68 4.07 15.18 -37.75
C PRO A 68 2.83 15.07 -36.89
N ARG A 69 1.62 15.02 -37.48
CA ARG A 69 0.37 14.97 -36.69
C ARG A 69 -0.28 13.60 -36.71
N ASP A 70 -0.77 13.15 -35.55
CA ASP A 70 -1.44 11.85 -35.45
C ASP A 70 -2.89 11.96 -35.91
N ARG A 71 -3.61 10.84 -35.97
CA ARG A 71 -5.03 10.86 -36.35
C ARG A 71 -5.83 11.94 -35.59
N GLN A 72 -5.57 12.09 -34.30
CA GLN A 72 -6.27 13.09 -33.48
C GLN A 72 -6.06 14.53 -33.95
N GLY A 73 -5.02 14.77 -34.74
CA GLY A 73 -4.70 16.12 -35.19
C GLY A 73 -3.84 16.85 -34.19
N GLN A 74 -3.35 16.16 -33.15
CA GLN A 74 -2.47 16.77 -32.17
C GLN A 74 -1.03 16.46 -32.55
N PRO A 75 -0.07 17.30 -32.16
CA PRO A 75 1.30 17.00 -32.59
C PRO A 75 1.83 15.67 -32.05
N GLU A 76 2.48 14.86 -32.88
CA GLU A 76 2.98 13.55 -32.45
C GLU A 76 4.08 13.69 -31.40
N SER A 77 3.99 12.90 -30.34
CA SER A 77 4.96 12.98 -29.26
C SER A 77 6.39 12.58 -29.53
N CYS A 78 6.62 11.52 -30.28
CA CYS A 78 7.97 10.99 -30.47
C CYS A 78 8.66 11.19 -31.80
N LEU A 79 8.12 12.04 -32.66
CA LEU A 79 8.70 12.25 -33.97
C LEU A 79 8.71 13.68 -34.42
N ARG A 80 9.68 14.08 -35.25
CA ARG A 80 9.75 15.43 -35.78
C ARG A 80 10.17 15.28 -37.22
N PHE A 81 9.81 16.21 -38.08
CA PHE A 81 10.13 16.06 -39.50
C PHE A 81 11.62 16.28 -39.74
N THR A 82 12.22 15.47 -40.61
CA THR A 82 13.64 15.63 -40.91
C THR A 82 13.91 16.94 -41.61
N SER A 83 13.04 17.31 -42.54
CA SER A 83 13.24 18.54 -43.30
C SER A 83 11.98 19.36 -43.15
N PRO A 84 12.07 20.70 -43.30
CA PRO A 84 10.83 21.45 -43.05
C PRO A 84 9.73 21.17 -44.08
N GLN A 85 8.60 20.65 -43.64
CA GLN A 85 7.47 20.36 -44.54
C GLN A 85 6.45 21.51 -44.55
N TRP A 86 6.20 22.13 -45.71
CA TRP A 86 5.24 23.23 -45.80
C TRP A 86 3.92 22.75 -46.35
N GLY A 87 2.82 23.11 -45.68
CA GLY A 87 1.50 22.68 -46.12
C GLY A 87 1.27 21.22 -45.81
N THR A 99 3.86 12.43 -46.04
CA THR A 99 4.85 11.40 -46.38
C THR A 99 6.23 11.85 -46.02
N GLY A 100 6.33 12.96 -45.29
CA GLY A 100 7.63 13.50 -44.92
C GLY A 100 8.41 12.59 -44.02
N ALA A 101 9.73 12.56 -44.20
CA ALA A 101 10.57 11.71 -43.37
C ALA A 101 10.52 12.17 -41.94
N THR A 102 10.45 11.22 -41.01
CA THR A 102 10.39 11.56 -39.60
C THR A 102 11.60 11.03 -38.85
N GLU A 103 12.31 11.90 -38.13
CA GLU A 103 13.48 11.49 -37.39
C GLU A 103 13.11 11.45 -35.92
N PRO A 104 13.76 10.58 -35.13
CA PRO A 104 13.45 10.65 -33.71
C PRO A 104 14.02 11.95 -33.24
N CYS A 105 13.48 12.53 -32.16
CA CYS A 105 13.89 13.87 -31.78
C CYS A 105 15.14 13.98 -30.94
N THR A 106 16.24 14.32 -31.59
CA THR A 106 17.50 14.48 -30.89
C THR A 106 17.50 15.68 -29.96
N ASP A 107 16.88 16.79 -30.37
CA ASP A 107 16.94 18.02 -29.57
C ASP A 107 16.02 18.09 -28.36
N GLY A 108 15.42 16.98 -27.94
CA GLY A 108 14.61 16.97 -26.75
C GLY A 108 13.15 17.24 -26.97
N TRP A 109 12.39 17.39 -25.89
CA TRP A 109 10.96 17.55 -26.03
C TRP A 109 10.46 18.81 -25.35
N ILE A 110 9.36 19.37 -25.83
CA ILE A 110 8.77 20.53 -25.17
C ILE A 110 7.54 20.00 -24.48
N TYR A 111 7.46 20.18 -23.17
CA TYR A 111 6.35 19.63 -22.41
C TYR A 111 5.37 20.72 -22.01
N ASP A 112 4.08 20.40 -22.05
CA ASP A 112 3.09 21.37 -21.63
C ASP A 112 3.28 21.66 -20.15
N ASN A 113 3.29 22.94 -19.79
CA ASN A 113 3.47 23.34 -18.40
C ASN A 113 2.22 23.92 -17.78
N SER A 114 1.07 23.65 -18.38
CA SER A 114 -0.20 24.15 -17.85
C SER A 114 -0.59 23.45 -16.57
N THR A 115 -0.55 22.13 -16.56
CA THR A 115 -0.97 21.37 -15.39
C THR A 115 0.19 20.94 -14.53
N PHE A 116 1.27 20.42 -15.13
CA PHE A 116 2.40 19.90 -14.39
C PHE A 116 3.68 20.71 -14.64
N PRO A 117 4.07 21.59 -13.70
CA PRO A 117 5.31 22.31 -13.98
C PRO A 117 6.49 21.36 -14.18
N SER A 118 6.75 20.45 -13.24
CA SER A 118 7.82 19.50 -13.37
C SER A 118 7.39 18.18 -12.81
N THR A 119 7.92 17.09 -13.35
CA THR A 119 7.60 15.76 -12.90
C THR A 119 8.90 15.05 -13.18
N ILE A 120 9.10 13.83 -12.68
CA ILE A 120 10.31 13.08 -12.97
C ILE A 120 10.34 12.86 -14.47
N VAL A 121 9.18 12.71 -15.09
CA VAL A 121 9.08 12.51 -16.54
C VAL A 121 9.62 13.68 -17.34
N THR A 122 9.35 14.89 -16.91
CA THR A 122 9.83 16.09 -17.60
C THR A 122 11.29 16.30 -17.33
N GLU A 123 11.71 16.09 -16.09
CA GLU A 123 13.10 16.30 -15.70
C GLU A 123 14.09 15.41 -16.40
N TRP A 124 13.78 14.12 -16.50
CA TRP A 124 14.72 13.18 -17.06
C TRP A 124 14.36 12.65 -18.42
N ASP A 125 13.39 13.28 -19.08
CA ASP A 125 12.98 12.87 -20.41
C ASP A 125 12.58 11.41 -20.45
N LEU A 126 11.84 10.95 -19.43
CA LEU A 126 11.39 9.55 -19.36
C LEU A 126 10.19 9.52 -20.25
N VAL A 127 10.41 9.66 -21.55
CA VAL A 127 9.34 9.77 -22.49
C VAL A 127 9.75 9.03 -23.74
N CYS A 128 8.78 8.62 -24.55
CA CYS A 128 9.09 7.91 -25.80
C CYS A 128 9.85 6.63 -25.51
N SER A 129 11.05 6.42 -26.05
CA SER A 129 11.70 5.12 -25.86
C SER A 129 11.87 4.77 -24.40
N HIS A 130 12.15 5.75 -23.54
CA HIS A 130 12.35 5.51 -22.12
C HIS A 130 11.09 5.62 -21.26
N ARG A 131 9.90 5.45 -21.85
CA ARG A 131 8.65 5.59 -21.11
C ARG A 131 8.49 4.55 -20.04
N ALA A 132 9.07 3.37 -20.24
CA ALA A 132 8.92 2.27 -19.29
C ALA A 132 9.60 2.58 -18.00
N LEU A 133 10.55 3.50 -18.01
CA LEU A 133 11.30 3.83 -16.82
C LEU A 133 10.41 4.39 -15.74
N ARG A 134 9.36 5.11 -16.12
CA ARG A 134 8.46 5.70 -15.15
C ARG A 134 7.84 4.59 -14.31
N GLN A 135 7.45 3.48 -14.94
CA GLN A 135 6.86 2.34 -14.21
C GLN A 135 7.92 1.52 -13.51
N LEU A 136 9.12 1.39 -14.06
CA LEU A 136 10.22 0.70 -13.39
C LEU A 136 10.47 1.31 -12.02
N ALA A 137 10.36 2.62 -11.90
CA ALA A 137 10.55 3.28 -10.62
C ALA A 137 9.48 2.90 -9.61
N GLN A 138 8.22 2.80 -10.01
CA GLN A 138 7.18 2.33 -9.09
C GLN A 138 7.43 0.90 -8.67
N SER A 139 7.83 0.05 -9.61
CA SER A 139 8.11 -1.33 -9.29
C SER A 139 9.28 -1.43 -8.34
N LEU A 140 10.31 -0.61 -8.52
CA LEU A 140 11.45 -0.60 -7.59
C LEU A 140 11.06 -0.12 -6.20
N TYR A 141 10.19 0.87 -6.08
CA TYR A 141 9.75 1.30 -4.78
C TYR A 141 9.07 0.14 -4.13
N MET A 142 8.25 -0.60 -4.87
CA MET A 142 7.52 -1.74 -4.30
C MET A 142 8.41 -2.93 -4.03
N VAL A 143 9.52 -3.09 -4.76
CA VAL A 143 10.49 -4.14 -4.45
C VAL A 143 11.02 -3.78 -3.11
N GLY A 144 11.23 -2.50 -2.86
CA GLY A 144 11.66 -2.04 -1.56
C GLY A 144 10.66 -2.35 -0.48
N VAL A 145 9.37 -2.18 -0.76
CA VAL A 145 8.33 -2.50 0.20
C VAL A 145 8.32 -3.99 0.55
N LEU A 146 8.50 -4.88 -0.41
CA LEU A 146 8.58 -6.33 -0.15
C LEU A 146 9.81 -6.63 0.68
N LEU A 147 10.96 -6.08 0.31
CA LEU A 147 12.21 -6.28 1.05
C LEU A 147 12.10 -5.76 2.45
N GLY A 148 11.46 -4.63 2.66
CA GLY A 148 11.37 -4.02 3.97
C GLY A 148 10.45 -4.76 4.88
N ALA A 149 9.36 -5.32 4.37
CA ALA A 149 8.52 -6.11 5.23
C ALA A 149 9.33 -7.24 5.81
N MET A 150 10.22 -7.84 5.02
CA MET A 150 10.99 -8.97 5.50
C MET A 150 12.20 -8.61 6.38
N VAL A 151 13.01 -7.65 5.94
CA VAL A 151 14.19 -7.24 6.68
C VAL A 151 13.74 -6.67 8.01
N PHE A 152 12.88 -5.65 7.99
CA PHE A 152 12.43 -5.02 9.23
C PHE A 152 11.57 -5.89 10.11
N GLY A 153 10.89 -6.88 9.55
CA GLY A 153 10.16 -7.82 10.39
C GLY A 153 11.13 -8.65 11.20
N TYR A 154 12.22 -9.13 10.61
CA TYR A 154 13.24 -9.86 11.35
C TYR A 154 13.91 -8.94 12.33
N LEU A 155 14.25 -7.74 11.90
CA LEU A 155 14.98 -6.84 12.78
C LEU A 155 14.12 -6.42 13.97
N ALA A 156 12.80 -6.39 13.81
CA ALA A 156 11.93 -5.95 14.90
C ALA A 156 11.88 -7.00 15.96
N ASP A 157 11.92 -8.28 15.56
CA ASP A 157 11.91 -9.36 16.52
C ASP A 157 13.23 -9.47 17.22
N ARG A 158 14.27 -8.86 16.65
CA ARG A 158 15.60 -8.92 17.25
C ARG A 158 15.94 -7.69 18.04
N LEU A 159 15.54 -6.53 17.54
CA LEU A 159 15.88 -5.26 18.21
C LEU A 159 14.74 -4.49 18.88
N GLY A 160 13.50 -4.88 18.66
CA GLY A 160 12.37 -4.24 19.31
C GLY A 160 11.48 -3.55 18.32
N ARG A 161 10.19 -3.52 18.59
CA ARG A 161 9.28 -2.84 17.70
C ARG A 161 9.59 -1.37 17.67
N ARG A 162 9.89 -0.77 18.82
CA ARG A 162 10.25 0.64 18.89
C ARG A 162 11.55 1.04 18.23
N LYS A 163 12.63 0.33 18.47
CA LYS A 163 13.93 0.77 17.94
C LYS A 163 13.85 0.69 16.45
N VAL A 164 13.25 -0.36 15.94
CA VAL A 164 13.05 -0.47 14.49
C VAL A 164 12.15 0.63 13.96
N LEU A 165 11.11 1.05 14.67
CA LEU A 165 10.30 2.21 14.21
C LEU A 165 11.12 3.49 14.17
N ILE A 166 11.93 3.78 15.17
CA ILE A 166 12.71 5.00 15.19
C ILE A 166 13.62 5.03 13.99
N LEU A 167 14.29 3.92 13.68
CA LEU A 167 15.19 3.87 12.54
C LEU A 167 14.43 3.95 11.24
N ASN A 168 13.22 3.43 11.19
CA ASN A 168 12.41 3.53 9.97
C ASN A 168 11.90 4.93 9.71
N TYR A 169 11.56 5.70 10.73
CA TYR A 169 11.17 7.08 10.51
C TYR A 169 12.33 7.87 9.95
N LEU A 170 13.54 7.62 10.45
CA LEU A 170 14.72 8.32 9.95
C LEU A 170 15.06 7.91 8.53
N GLN A 171 14.95 6.63 8.19
CA GLN A 171 15.23 6.17 6.83
C GLN A 171 14.26 6.71 5.81
N THR A 172 12.96 6.73 6.10
CA THR A 172 11.99 7.31 5.18
C THR A 172 12.26 8.78 4.98
N ALA A 173 12.59 9.49 6.04
CA ALA A 173 12.88 10.90 5.96
C ALA A 173 14.12 11.18 5.15
N VAL A 174 15.21 10.49 5.44
CA VAL A 174 16.46 10.69 4.71
C VAL A 174 16.36 10.23 3.25
N SER A 175 15.81 9.06 3.02
CA SER A 175 15.68 8.55 1.67
C SER A 175 14.73 9.37 0.84
N GLY A 176 13.58 9.72 1.37
CA GLY A 176 12.66 10.58 0.65
C GLY A 176 13.19 11.97 0.38
N THR A 177 13.87 12.58 1.34
CA THR A 177 14.48 13.89 1.10
C THR A 177 15.55 13.80 0.04
N CYS A 178 16.40 12.78 0.09
CA CYS A 178 17.45 12.60 -0.89
C CYS A 178 16.88 12.30 -2.27
N ALA A 179 15.74 11.61 -2.34
CA ALA A 179 15.06 11.35 -3.62
C ALA A 179 14.61 12.66 -4.24
N ALA A 180 14.12 13.58 -3.42
CA ALA A 180 13.67 14.88 -3.90
C ALA A 180 14.82 15.67 -4.47
N PHE A 181 16.04 15.44 -3.98
CA PHE A 181 17.22 16.13 -4.48
C PHE A 181 18.09 15.21 -5.31
N ALA A 182 17.49 14.18 -5.90
CA ALA A 182 18.23 13.25 -6.72
C ALA A 182 18.73 13.95 -7.95
N PRO A 183 20.00 13.70 -8.33
CA PRO A 183 20.52 14.41 -9.49
C PRO A 183 20.28 13.67 -10.80
N ASN A 184 20.05 12.36 -10.77
CA ASN A 184 19.83 11.55 -11.96
C ASN A 184 18.86 10.44 -11.66
N PHE A 185 18.35 9.75 -12.68
CA PHE A 185 17.32 8.73 -12.47
C PHE A 185 17.77 7.51 -11.70
N PRO A 186 18.96 6.94 -12.00
CA PRO A 186 19.32 5.80 -11.15
C PRO A 186 19.26 6.14 -9.66
N ILE A 187 19.76 7.31 -9.25
CA ILE A 187 19.74 7.73 -7.84
C ILE A 187 18.35 7.93 -7.26
N TYR A 188 17.41 8.46 -8.03
CA TYR A 188 16.05 8.60 -7.56
C TYR A 188 15.48 7.23 -7.27
N CYS A 189 15.74 6.25 -8.13
CA CYS A 189 15.18 4.91 -7.94
C CYS A 189 15.77 4.23 -6.73
N ALA A 190 17.06 4.42 -6.48
CA ALA A 190 17.71 3.85 -5.31
C ALA A 190 17.14 4.38 -4.03
N PHE A 191 16.91 5.69 -3.96
CA PHE A 191 16.36 6.31 -2.76
C PHE A 191 14.88 6.09 -2.64
N ARG A 192 14.21 5.71 -3.71
CA ARG A 192 12.79 5.36 -3.62
C ARG A 192 12.66 3.91 -3.13
N LEU A 193 13.57 3.01 -3.48
CA LEU A 193 13.51 1.65 -2.95
C LEU A 193 13.71 1.71 -1.45
N LEU A 194 14.71 2.47 -1.01
CA LEU A 194 15.00 2.59 0.42
C LEU A 194 13.88 3.29 1.16
N SER A 195 13.18 4.20 0.51
CA SER A 195 12.03 4.85 1.13
C SER A 195 10.96 3.84 1.36
N GLY A 196 10.76 2.94 0.42
CA GLY A 196 9.74 1.93 0.55
C GLY A 196 10.08 0.88 1.56
N MET A 197 11.36 0.54 1.69
CA MET A 197 11.80 -0.44 2.67
C MET A 197 11.47 0.05 4.04
N ALA A 198 11.73 1.32 4.29
CA ALA A 198 11.46 1.89 5.60
C ALA A 198 10.00 1.96 5.84
N LEU A 199 9.23 2.41 4.86
CA LEU A 199 7.78 2.52 5.00
C LEU A 199 7.12 1.17 5.22
N ALA A 200 7.62 0.11 4.62
CA ALA A 200 7.09 -1.22 4.89
C ALA A 200 7.27 -1.59 6.33
N GLY A 201 8.38 -1.21 6.92
CA GLY A 201 8.61 -1.48 8.32
C GLY A 201 7.77 -0.61 9.22
N ILE A 202 7.45 0.61 8.81
CA ILE A 202 6.55 1.46 9.59
C ILE A 202 5.16 0.87 9.64
N SER A 203 4.63 0.41 8.50
CA SER A 203 3.28 -0.15 8.46
C SER A 203 3.13 -1.41 9.28
N LEU A 204 4.15 -2.25 9.31
CA LEU A 204 4.14 -3.46 10.10
C LEU A 204 4.22 -3.14 11.58
N ASN A 205 5.25 -2.37 11.97
CA ASN A 205 5.50 -2.09 13.38
C ASN A 205 4.47 -1.21 14.04
N CYS A 206 3.72 -0.44 13.27
CA CYS A 206 2.68 0.35 13.88
C CYS A 206 1.58 -0.59 14.31
N MET A 207 1.34 -1.62 13.51
CA MET A 207 0.33 -2.61 13.84
C MET A 207 0.78 -3.38 15.05
N THR A 208 2.01 -3.88 15.06
CA THR A 208 2.46 -4.72 16.17
C THR A 208 2.55 -3.93 17.47
N LEU A 209 3.09 -2.72 17.47
CA LEU A 209 3.27 -1.96 18.71
C LEU A 209 1.93 -1.58 19.31
N ASN A 210 0.97 -1.15 18.48
CA ASN A 210 -0.35 -0.76 18.97
C ASN A 210 -1.17 -1.95 19.42
N VAL A 211 -1.22 -2.99 18.60
CA VAL A 211 -2.01 -4.18 18.93
C VAL A 211 -1.48 -4.82 20.21
N GLU A 212 -0.16 -4.92 20.37
CA GLU A 212 0.43 -5.56 21.55
C GLU A 212 0.29 -4.73 22.83
N TRP A 213 0.13 -3.42 22.71
CA TRP A 213 -0.09 -2.57 23.89
C TRP A 213 -1.55 -2.32 24.12
N MET A 214 -2.45 -2.91 23.33
CA MET A 214 -3.90 -2.71 23.50
C MET A 214 -4.63 -4.00 23.90
N PRO A 215 -5.73 -3.90 24.68
CA PRO A 215 -6.40 -5.10 25.14
C PRO A 215 -6.98 -5.91 24.01
N ILE A 216 -7.18 -7.22 24.19
CA ILE A 216 -7.63 -8.09 23.11
C ILE A 216 -9.01 -7.70 22.56
N HIS A 217 -9.92 -7.28 23.43
CA HIS A 217 -11.25 -6.88 22.98
C HIS A 217 -11.20 -5.70 22.03
N THR A 218 -10.20 -4.83 22.17
CA THR A 218 -10.06 -3.65 21.30
C THR A 218 -9.17 -3.88 20.08
N ARG A 219 -8.60 -5.06 19.96
CA ARG A 219 -7.68 -5.34 18.85
C ARG A 219 -8.30 -5.07 17.49
N ALA A 220 -9.54 -5.51 17.29
CA ALA A 220 -10.23 -5.25 16.03
C ALA A 220 -10.36 -3.76 15.73
N CYS A 221 -10.64 -2.96 16.75
CA CYS A 221 -10.75 -1.52 16.56
C CYS A 221 -9.44 -0.92 16.10
N VAL A 222 -8.33 -1.37 16.67
CA VAL A 222 -7.03 -0.89 16.24
C VAL A 222 -6.86 -1.14 14.77
N GLY A 223 -7.15 -2.36 14.33
CA GLY A 223 -6.94 -2.72 12.95
C GLY A 223 -7.77 -1.89 11.99
N THR A 224 -9.03 -1.64 12.34
CA THR A 224 -9.90 -0.81 11.51
C THR A 224 -9.42 0.63 11.42
N LEU A 225 -9.01 1.21 12.55
CA LEU A 225 -8.51 2.58 12.55
C LEU A 225 -7.33 2.68 11.63
N ILE A 226 -6.44 1.70 11.67
CA ILE A 226 -5.27 1.70 10.79
C ILE A 226 -5.68 1.71 9.33
N GLY A 227 -6.74 0.98 8.97
CA GLY A 227 -7.24 1.01 7.60
C GLY A 227 -7.88 2.31 7.18
N TYR A 228 -8.69 2.90 8.04
CA TYR A 228 -9.30 4.19 7.75
C TYR A 228 -8.29 5.31 7.65
N VAL A 229 -7.27 5.29 8.51
CA VAL A 229 -6.24 6.31 8.44
C VAL A 229 -5.50 6.24 7.10
N TYR A 230 -5.24 5.04 6.58
CA TYR A 230 -4.61 4.96 5.26
C TYR A 230 -5.52 5.58 4.19
N SER A 231 -6.81 5.35 4.27
CA SER A 231 -7.76 5.93 3.32
C SER A 231 -7.83 7.44 3.38
N LEU A 232 -7.75 8.02 4.57
CA LEU A 232 -7.73 9.48 4.70
C LEU A 232 -6.45 10.02 4.12
N GLY A 233 -5.43 9.20 4.06
CA GLY A 233 -4.16 9.60 3.45
C GLY A 233 -4.33 9.96 2.00
N GLN A 234 -5.29 9.30 1.34
CA GLN A 234 -5.55 9.58 -0.06
C GLN A 234 -6.00 11.02 -0.26
N PHE A 235 -6.89 11.50 0.60
CA PHE A 235 -7.34 12.89 0.49
C PHE A 235 -6.18 13.81 0.80
N LEU A 236 -5.27 13.40 1.69
CA LEU A 236 -4.11 14.21 2.00
C LEU A 236 -3.21 14.36 0.79
N LEU A 237 -3.01 13.30 0.01
CA LEU A 237 -2.21 13.39 -1.21
C LEU A 237 -2.82 14.32 -2.22
N ALA A 238 -4.14 14.27 -2.36
CA ALA A 238 -4.82 15.14 -3.29
C ALA A 238 -4.63 16.56 -2.83
N GLY A 239 -4.92 16.90 -1.56
CA GLY A 239 -4.79 18.30 -1.20
C GLY A 239 -3.35 18.79 -1.27
N VAL A 240 -2.39 18.01 -0.80
CA VAL A 240 -0.98 18.42 -0.82
C VAL A 240 -0.43 18.57 -2.23
N ALA A 241 -0.75 17.65 -3.14
CA ALA A 241 -0.30 17.73 -4.53
C ALA A 241 -0.86 18.92 -5.26
N TYR A 242 -2.07 19.35 -4.96
CA TYR A 242 -2.59 20.54 -5.61
C TYR A 242 -1.76 21.73 -5.20
N ALA A 243 -1.47 21.85 -3.91
CA ALA A 243 -0.69 22.96 -3.39
C ALA A 243 0.73 23.00 -3.86
N VAL A 244 1.39 21.84 -3.95
CA VAL A 244 2.79 21.77 -4.32
C VAL A 244 2.88 20.89 -5.55
N PRO A 245 2.63 21.48 -6.73
CA PRO A 245 2.69 20.70 -7.97
C PRO A 245 4.08 20.19 -8.36
N HIS A 246 5.13 20.98 -8.17
CA HIS A 246 6.48 20.57 -8.55
C HIS A 246 6.84 19.29 -7.86
N TRP A 247 7.60 18.41 -8.51
CA TRP A 247 7.87 17.11 -7.90
C TRP A 247 8.91 17.10 -6.82
N ARG A 248 9.98 17.88 -6.95
CA ARG A 248 11.00 17.93 -5.94
C ARG A 248 10.41 18.51 -4.69
N HIS A 249 9.59 19.54 -4.82
CA HIS A 249 8.91 20.14 -3.68
C HIS A 249 7.86 19.23 -3.05
N LEU A 250 7.12 18.50 -3.86
CA LEU A 250 6.09 17.58 -3.36
C LEU A 250 6.72 16.38 -2.68
N GLN A 251 7.79 15.82 -3.23
CA GLN A 251 8.49 14.73 -2.58
C GLN A 251 9.13 15.18 -1.26
N LEU A 252 9.73 16.35 -1.22
CA LEU A 252 10.26 16.86 0.05
C LEU A 252 9.16 17.07 1.09
N LEU A 253 8.02 17.63 0.71
CA LEU A 253 6.92 17.88 1.65
C LEU A 253 6.33 16.62 2.22
N VAL A 254 6.21 15.60 1.40
CA VAL A 254 5.68 14.33 1.86
C VAL A 254 6.73 13.56 2.67
N SER A 255 8.03 13.84 2.48
CA SER A 255 8.99 13.11 3.32
C SER A 255 9.48 13.91 4.52
N ALA A 256 9.21 15.21 4.57
CA ALA A 256 9.67 16.01 5.71
C ALA A 256 9.04 15.62 7.05
N PRO A 257 7.70 15.41 7.13
CA PRO A 257 7.20 15.13 8.48
C PRO A 257 7.87 13.95 9.17
N PHE A 258 8.39 12.99 8.42
CA PHE A 258 9.00 11.80 9.00
C PHE A 258 10.19 12.13 9.86
N PHE A 259 10.86 13.25 9.63
CA PHE A 259 11.91 13.67 10.55
C PHE A 259 11.29 14.04 11.88
N ALA A 260 10.14 14.70 11.86
CA ALA A 260 9.44 15.09 13.09
C ALA A 260 8.96 13.86 13.80
N PHE A 261 8.56 12.85 13.04
CA PHE A 261 8.14 11.58 13.63
C PHE A 261 9.33 10.94 14.31
N PHE A 262 10.47 10.95 13.66
CA PHE A 262 11.68 10.39 14.25
C PHE A 262 12.02 11.08 15.55
N ILE A 263 11.76 12.37 15.70
CA ILE A 263 12.18 13.09 16.90
C ILE A 263 11.33 12.73 18.12
N TYR A 264 10.02 12.55 17.94
CA TYR A 264 9.14 12.16 19.06
C TYR A 264 9.08 10.66 19.27
N SER A 265 9.46 9.86 18.29
CA SER A 265 9.45 8.41 18.46
C SER A 265 10.45 7.96 19.48
N TRP A 266 11.35 8.82 19.93
CA TRP A 266 12.22 8.32 20.99
C TRP A 266 11.53 8.09 22.31
N PHE A 267 10.36 8.70 22.51
CA PHE A 267 9.62 8.61 23.77
C PHE A 267 8.59 7.49 23.77
N PHE A 268 8.53 6.68 22.71
CA PHE A 268 7.64 5.54 22.68
C PHE A 268 8.08 4.50 23.72
N ILE A 269 7.11 3.75 24.22
CA ILE A 269 7.36 2.68 25.18
C ILE A 269 7.41 1.36 24.44
N GLU A 270 8.48 0.59 24.58
CA GLU A 270 8.61 -0.67 23.85
C GLU A 270 7.59 -1.68 24.33
N SER A 271 7.12 -2.55 23.44
CA SER A 271 6.12 -3.54 23.81
C SER A 271 6.59 -4.41 24.95
N ALA A 272 5.82 -4.46 26.04
CA ALA A 272 6.14 -5.31 27.16
C ALA A 272 6.05 -6.76 26.73
N ARG A 273 5.22 -7.03 25.75
CA ARG A 273 5.06 -8.40 25.26
C ARG A 273 6.35 -8.86 24.61
N TRP A 274 6.96 -7.99 23.81
CA TRP A 274 8.20 -8.34 23.15
C TRP A 274 9.27 -8.57 24.21
N HIS A 275 9.24 -7.82 25.28
CA HIS A 275 10.20 -7.96 26.37
C HIS A 275 10.02 -9.30 27.07
N SER A 276 8.77 -9.71 27.29
CA SER A 276 8.51 -10.96 27.97
C SER A 276 8.98 -12.12 27.10
N SER A 277 8.71 -12.04 25.80
CA SER A 277 9.09 -13.10 24.88
C SER A 277 10.60 -13.26 24.81
N SER A 278 11.33 -12.16 24.88
CA SER A 278 12.78 -12.20 24.81
C SER A 278 13.40 -12.96 25.98
N GLY A 279 12.77 -12.87 27.15
CA GLY A 279 13.31 -13.48 28.35
C GLY A 279 13.56 -12.41 29.39
N ARG A 280 13.45 -11.14 29.01
CA ARG A 280 13.74 -10.05 29.95
C ARG A 280 12.50 -9.52 30.65
N LEU A 281 11.97 -10.27 31.62
CA LEU A 281 10.77 -9.83 32.34
C LEU A 281 11.09 -8.57 33.14
N ASP A 282 12.36 -8.27 33.37
CA ASP A 282 12.73 -7.02 34.03
C ASP A 282 12.22 -5.81 33.26
N LEU A 283 12.22 -5.90 31.94
CA LEU A 283 11.75 -4.81 31.11
C LEU A 283 10.24 -4.90 30.94
N THR A 284 9.64 -6.08 31.05
CA THR A 284 8.18 -6.19 31.03
C THR A 284 7.64 -5.48 32.25
N LEU A 285 8.31 -5.64 33.38
CA LEU A 285 7.87 -5.01 34.62
C LEU A 285 8.05 -3.52 34.53
N ARG A 286 9.19 -3.06 34.01
CA ARG A 286 9.46 -1.64 33.89
C ARG A 286 8.47 -0.95 32.97
N ALA A 287 8.11 -1.58 31.86
CA ALA A 287 7.13 -1.00 30.96
C ALA A 287 5.76 -0.96 31.60
N LEU A 288 5.36 -2.05 32.23
CA LEU A 288 4.05 -2.10 32.88
C LEU A 288 3.91 -1.10 34.02
N GLN A 289 4.96 -0.88 34.79
CA GLN A 289 4.90 0.14 35.85
C GLN A 289 4.88 1.55 35.27
N ARG A 290 5.70 1.85 34.27
CA ARG A 290 5.67 3.15 33.61
C ARG A 290 4.28 3.45 33.06
N VAL A 291 3.65 2.46 32.43
CA VAL A 291 2.32 2.67 31.88
C VAL A 291 1.34 2.93 33.00
N ALA A 292 1.52 2.28 34.14
CA ALA A 292 0.65 2.52 35.29
C ALA A 292 0.84 3.94 35.75
N ARG A 293 2.08 4.41 35.72
CA ARG A 293 2.36 5.77 36.14
C ARG A 293 1.63 6.74 35.23
N ILE A 294 1.55 6.40 33.95
CA ILE A 294 0.86 7.26 33.00
C ILE A 294 -0.66 7.13 33.06
N ASN A 295 -1.18 5.91 33.03
CA ASN A 295 -2.63 5.70 33.00
C ASN A 295 -3.27 6.19 34.29
N GLY A 296 -2.47 6.38 35.34
CA GLY A 296 -3.00 6.92 36.59
C GLY A 296 -3.32 5.88 37.63
N LYS A 297 -3.25 4.59 37.28
CA LYS A 297 -3.47 3.51 38.24
C LYS A 297 -2.13 3.15 38.84
N ARG A 298 -1.51 4.11 39.54
CA ARG A 298 -0.19 3.89 40.14
C ARG A 298 -0.18 2.78 41.17
N GLU A 299 -1.05 2.85 42.17
CA GLU A 299 -1.14 1.80 43.19
C GLU A 299 -1.11 0.44 42.56
N GLU A 300 -1.95 0.22 41.55
CA GLU A 300 -2.04 -1.10 40.95
C GLU A 300 -0.71 -1.48 40.29
N GLY A 301 0.05 -0.51 39.77
CA GLY A 301 1.33 -0.83 39.18
C GLY A 301 2.36 -1.26 40.20
N ALA A 302 2.37 -0.62 41.36
CA ALA A 302 3.31 -0.96 42.42
C ALA A 302 3.09 -2.41 42.83
N LYS A 303 1.83 -2.83 42.85
CA LYS A 303 1.53 -4.20 43.21
C LYS A 303 2.20 -5.15 42.24
N LEU A 304 2.27 -4.79 40.97
CA LEU A 304 2.87 -5.66 39.97
C LEU A 304 4.33 -5.86 40.32
N SER A 305 4.77 -7.08 40.63
CA SER A 305 6.18 -7.36 40.91
C SER A 305 6.58 -8.53 40.01
N MET A 306 7.73 -9.16 40.25
CA MET A 306 8.18 -10.30 39.42
C MET A 306 7.55 -11.61 39.83
N GLU A 307 7.10 -11.76 41.08
CA GLU A 307 6.39 -12.99 41.49
C GLU A 307 5.02 -12.99 40.84
N VAL A 308 4.48 -11.79 40.59
CA VAL A 308 3.19 -11.66 39.92
C VAL A 308 3.38 -11.82 38.42
N LEU A 309 4.47 -11.25 37.89
CA LEU A 309 4.75 -11.36 36.47
C LEU A 309 5.06 -12.78 36.08
N ARG A 310 5.89 -13.46 36.87
CA ARG A 310 6.26 -14.82 36.52
C ARG A 310 5.02 -15.66 36.53
N ALA A 311 4.15 -15.44 37.52
CA ALA A 311 2.88 -16.15 37.54
C ALA A 311 2.00 -15.65 36.42
N SER A 312 1.13 -16.50 35.88
CA SER A 312 0.19 -16.10 34.82
C SER A 312 0.83 -15.87 33.45
N LEU A 313 1.79 -14.96 33.36
CA LEU A 313 2.48 -14.75 32.10
C LEU A 313 3.24 -16.03 31.82
N GLN A 314 3.43 -16.84 32.85
CA GLN A 314 4.12 -18.13 32.70
C GLN A 314 3.50 -18.98 31.61
N LYS A 315 2.18 -18.99 31.54
CA LYS A 315 1.52 -19.86 30.56
C LYS A 315 1.91 -19.42 29.16
N GLU A 316 1.97 -18.12 28.94
CA GLU A 316 2.34 -17.62 27.63
C GLU A 316 3.77 -18.04 27.34
N LEU A 317 4.64 -17.94 28.33
CA LEU A 317 6.05 -18.32 28.18
C LEU A 317 6.29 -19.83 27.94
N ALA A 324 4.31 -22.09 13.72
CA ALA A 324 5.09 -23.06 12.95
C ALA A 324 5.77 -22.40 11.77
N SER A 325 6.64 -23.13 11.07
CA SER A 325 7.42 -22.54 9.97
C SER A 325 6.62 -22.40 8.70
N ALA A 326 7.01 -21.47 7.84
CA ALA A 326 6.35 -21.31 6.55
C ALA A 326 6.54 -22.53 5.67
N MET A 327 7.54 -23.35 5.97
CA MET A 327 7.71 -24.60 5.23
C MET A 327 6.46 -25.43 5.43
N GLU A 328 5.86 -25.35 6.61
CA GLU A 328 4.64 -26.12 6.91
C GLU A 328 3.51 -25.77 5.99
N LEU A 329 3.36 -24.49 5.63
CA LEU A 329 2.23 -24.11 4.81
C LEU A 329 2.35 -24.91 3.54
N LEU A 330 3.53 -24.96 2.94
CA LEU A 330 3.75 -25.78 1.76
C LEU A 330 3.73 -27.29 2.00
N ARG A 331 4.33 -27.74 3.10
CA ARG A 331 4.46 -29.18 3.35
C ARG A 331 3.15 -29.94 3.51
N CYS A 332 2.21 -29.41 4.29
CA CYS A 332 0.97 -30.12 4.56
C CYS A 332 0.08 -29.98 3.36
N PRO A 333 -0.58 -31.07 2.90
CA PRO A 333 -1.46 -30.81 1.76
C PRO A 333 -2.67 -29.97 2.13
N THR A 334 -3.17 -30.08 3.36
CA THR A 334 -4.32 -29.32 3.82
C THR A 334 -4.03 -27.83 3.86
N LEU A 335 -2.85 -27.47 4.34
CA LEU A 335 -2.52 -26.06 4.47
C LEU A 335 -1.89 -25.53 3.21
N ARG A 336 -1.49 -26.41 2.29
CA ARG A 336 -0.98 -25.95 1.01
C ARG A 336 -2.14 -25.53 0.16
N HIS A 337 -3.25 -26.24 0.21
CA HIS A 337 -4.45 -25.85 -0.56
C HIS A 337 -4.96 -24.51 -0.09
N LEU A 338 -4.95 -24.27 1.20
CA LEU A 338 -5.44 -23.02 1.76
C LEU A 338 -4.42 -21.94 1.45
N PHE A 339 -3.14 -22.28 1.46
CA PHE A 339 -2.09 -21.32 1.07
C PHE A 339 -2.22 -20.88 -0.36
N LEU A 340 -2.15 -21.78 -1.32
CA LEU A 340 -2.23 -21.46 -2.73
C LEU A 340 -3.48 -20.63 -3.01
N CYS A 341 -4.64 -21.08 -2.57
CA CYS A 341 -5.88 -20.38 -2.88
C CYS A 341 -5.83 -18.98 -2.39
N LEU A 342 -5.44 -18.79 -1.13
CA LEU A 342 -5.40 -17.45 -0.55
C LEU A 342 -4.33 -16.60 -1.19
N SER A 343 -3.19 -17.16 -1.58
CA SER A 343 -2.16 -16.40 -2.26
C SER A 343 -2.68 -15.85 -3.56
N MET A 344 -3.51 -16.60 -4.27
CA MET A 344 -4.09 -16.09 -5.51
C MET A 344 -5.02 -14.93 -5.18
N LEU A 345 -5.77 -15.04 -4.09
CA LEU A 345 -6.67 -13.97 -3.68
C LEU A 345 -5.96 -12.70 -3.25
N TRP A 346 -4.83 -12.82 -2.58
CA TRP A 346 -4.08 -11.65 -2.16
C TRP A 346 -3.30 -11.06 -3.31
N PHE A 347 -2.71 -11.87 -4.18
CA PHE A 347 -2.03 -11.33 -5.35
C PHE A 347 -3.03 -10.59 -6.19
N ALA A 348 -4.13 -11.25 -6.58
CA ALA A 348 -5.10 -10.61 -7.46
C ALA A 348 -5.62 -9.28 -6.98
N THR A 349 -6.00 -9.19 -5.71
CA THR A 349 -6.57 -7.95 -5.21
C THR A 349 -5.56 -6.84 -5.29
N SER A 350 -4.32 -7.07 -4.87
CA SER A 350 -3.28 -6.05 -4.95
C SER A 350 -2.87 -5.71 -6.35
N PHE A 351 -2.75 -6.71 -7.20
CA PHE A 351 -2.31 -6.47 -8.56
C PHE A 351 -3.31 -5.60 -9.27
N ALA A 352 -4.59 -5.92 -9.14
CA ALA A 352 -5.64 -5.12 -9.74
C ALA A 352 -5.80 -3.76 -9.11
N TYR A 353 -5.70 -3.70 -7.79
CA TYR A 353 -5.89 -2.45 -7.07
C TYR A 353 -4.86 -1.44 -7.44
N TYR A 354 -3.61 -1.85 -7.47
CA TYR A 354 -2.55 -0.94 -7.88
C TYR A 354 -2.65 -0.60 -9.34
N GLY A 355 -3.01 -1.55 -10.16
CA GLY A 355 -3.21 -1.26 -11.57
C GLY A 355 -4.18 -0.11 -11.75
N LEU A 356 -5.35 -0.18 -11.12
CA LEU A 356 -6.35 0.89 -11.22
C LEU A 356 -5.95 2.20 -10.56
N VAL A 357 -5.40 2.13 -9.34
CA VAL A 357 -5.05 3.34 -8.57
C VAL A 357 -3.89 4.09 -9.19
N MET A 358 -3.04 3.40 -9.93
CA MET A 358 -1.85 4.02 -10.51
C MET A 358 -2.05 4.56 -11.92
N ASP A 359 -3.29 4.64 -12.39
CA ASP A 359 -3.58 5.25 -13.70
C ASP A 359 -4.72 6.25 -13.55
N LEU A 360 -4.44 7.43 -12.97
CA LEU A 360 -5.47 8.43 -12.73
C LEU A 360 -5.70 9.36 -13.92
N GLN A 361 -4.75 9.46 -14.85
CA GLN A 361 -4.86 10.45 -15.93
C GLN A 361 -5.79 10.13 -17.09
N GLY A 362 -5.94 8.87 -17.44
CA GLY A 362 -6.74 8.49 -18.59
C GLY A 362 -8.23 8.79 -18.57
N PHE A 363 -8.82 8.89 -17.39
CA PHE A 363 -10.27 9.03 -17.29
C PHE A 363 -10.86 10.28 -17.92
N GLY A 364 -10.10 11.36 -18.02
CA GLY A 364 -10.58 12.60 -18.61
C GLY A 364 -11.06 13.62 -17.61
N VAL A 365 -10.87 13.35 -16.32
CA VAL A 365 -11.21 14.31 -15.27
C VAL A 365 -9.90 14.69 -14.63
N SER A 366 -9.85 15.81 -13.90
CA SER A 366 -8.64 16.23 -13.21
C SER A 366 -8.03 15.09 -12.39
N ILE A 367 -6.70 15.03 -12.25
CA ILE A 367 -6.07 13.93 -11.53
C ILE A 367 -6.26 14.16 -10.04
N TYR A 368 -6.70 15.37 -9.64
CA TYR A 368 -6.88 15.69 -8.23
C TYR A 368 -8.27 15.31 -7.82
N LEU A 369 -9.25 15.62 -8.65
CA LEU A 369 -10.62 15.22 -8.35
C LEU A 369 -10.73 13.70 -8.32
N ILE A 370 -10.10 13.02 -9.26
CA ILE A 370 -10.14 11.56 -9.30
C ILE A 370 -9.48 10.95 -8.08
N GLN A 371 -8.39 11.52 -7.57
CA GLN A 371 -7.78 11.03 -6.33
C GLN A 371 -8.73 11.20 -5.16
N VAL A 372 -9.42 12.35 -5.09
CA VAL A 372 -10.40 12.57 -4.03
C VAL A 372 -11.56 11.61 -4.12
N ILE A 373 -12.08 11.37 -5.33
CA ILE A 373 -13.23 10.50 -5.51
C ILE A 373 -12.81 9.11 -5.07
N PHE A 374 -11.70 8.62 -5.57
CA PHE A 374 -11.22 7.30 -5.24
C PHE A 374 -11.09 7.13 -3.73
N GLY A 375 -10.55 8.12 -3.03
CA GLY A 375 -10.42 8.06 -1.58
C GLY A 375 -11.75 8.13 -0.87
N ALA A 376 -12.75 8.79 -1.46
CA ALA A 376 -14.08 8.85 -0.86
C ALA A 376 -14.93 7.67 -1.20
N VAL A 377 -14.49 6.80 -2.09
CA VAL A 377 -15.22 5.58 -2.42
C VAL A 377 -14.83 4.54 -1.40
N ASP A 378 -13.63 4.59 -0.85
CA ASP A 378 -13.25 3.66 0.20
C ASP A 378 -14.20 3.66 1.39
N LEU A 379 -14.68 4.82 1.80
CA LEU A 379 -15.55 4.90 2.98
C LEU A 379 -16.92 4.20 2.88
N PRO A 380 -17.65 4.31 1.76
CA PRO A 380 -18.90 3.55 1.61
C PRO A 380 -18.62 2.12 1.20
N ALA A 381 -17.52 1.85 0.51
CA ALA A 381 -17.13 0.49 0.16
C ALA A 381 -16.83 -0.36 1.37
N LYS A 382 -16.13 0.19 2.32
CA LYS A 382 -15.79 -0.57 3.50
C LYS A 382 -17.02 -0.91 4.30
N LEU A 383 -18.03 -0.06 4.32
CA LEU A 383 -19.27 -0.30 5.04
C LEU A 383 -20.12 -1.33 4.33
N VAL A 384 -20.29 -1.16 3.02
CA VAL A 384 -21.05 -2.13 2.24
C VAL A 384 -20.42 -3.49 2.37
N GLY A 385 -19.10 -3.54 2.33
CA GLY A 385 -18.40 -4.81 2.50
C GLY A 385 -18.63 -5.42 3.86
N PHE A 386 -18.59 -4.63 4.91
CA PHE A 386 -18.85 -5.13 6.25
C PHE A 386 -20.25 -5.69 6.30
N LEU A 387 -21.20 -5.00 5.68
CA LEU A 387 -22.57 -5.47 5.72
C LEU A 387 -22.68 -6.81 5.04
N VAL A 388 -22.11 -6.93 3.84
CA VAL A 388 -22.26 -8.16 3.06
C VAL A 388 -21.47 -9.28 3.70
N ILE A 389 -20.31 -8.99 4.27
CA ILE A 389 -19.49 -10.02 4.85
C ILE A 389 -20.31 -10.68 5.95
N ASN A 390 -20.75 -9.92 6.93
CA ASN A 390 -21.47 -10.49 8.05
C ASN A 390 -22.84 -11.05 7.67
N SER A 391 -23.64 -10.29 6.91
CA SER A 391 -24.98 -10.74 6.56
C SER A 391 -25.07 -11.96 5.64
N LEU A 392 -24.27 -12.02 4.61
CA LEU A 392 -24.38 -13.13 3.66
C LEU A 392 -23.35 -14.21 3.93
N GLY A 393 -22.07 -13.85 3.94
CA GLY A 393 -21.03 -14.82 4.14
C GLY A 393 -19.73 -14.15 3.85
N ARG A 394 -18.63 -14.80 4.17
CA ARG A 394 -17.31 -14.20 4.00
C ARG A 394 -16.80 -14.57 2.63
N ARG A 395 -17.25 -15.71 2.09
CA ARG A 395 -16.88 -16.16 0.76
C ARG A 395 -17.75 -15.53 -0.33
N PRO A 396 -19.10 -15.47 -0.15
CA PRO A 396 -19.87 -14.77 -1.18
C PRO A 396 -19.40 -13.35 -1.37
N ALA A 397 -19.00 -12.66 -0.32
CA ALA A 397 -18.45 -11.32 -0.45
C ALA A 397 -17.17 -11.25 -1.24
N GLN A 398 -16.29 -12.26 -1.14
CA GLN A 398 -15.04 -12.28 -1.90
C GLN A 398 -15.25 -12.59 -3.38
N MET A 399 -16.21 -13.43 -3.73
CA MET A 399 -16.48 -13.68 -5.14
C MET A 399 -17.06 -12.42 -5.74
N ALA A 400 -17.94 -11.75 -5.01
CA ALA A 400 -18.59 -10.54 -5.49
C ALA A 400 -17.68 -9.34 -5.57
N ALA A 401 -16.85 -9.14 -4.58
CA ALA A 401 -15.92 -8.05 -4.59
C ALA A 401 -14.89 -8.17 -5.69
N LEU A 402 -14.44 -9.38 -5.99
CA LEU A 402 -13.42 -9.56 -7.01
C LEU A 402 -13.99 -9.69 -8.41
N LEU A 403 -15.09 -10.39 -8.57
CA LEU A 403 -15.72 -10.53 -9.88
C LEU A 403 -16.22 -9.19 -10.38
N LEU A 404 -16.92 -8.45 -9.54
CA LEU A 404 -17.42 -7.14 -9.95
C LEU A 404 -16.29 -6.19 -10.28
N ALA A 405 -15.21 -6.21 -9.51
CA ALA A 405 -14.07 -5.37 -9.85
C ALA A 405 -13.49 -5.77 -11.19
N GLY A 406 -13.38 -7.06 -11.45
CA GLY A 406 -12.88 -7.52 -12.72
C GLY A 406 -13.78 -7.15 -13.86
N ILE A 407 -15.09 -7.25 -13.69
CA ILE A 407 -16.03 -6.86 -14.74
C ILE A 407 -15.92 -5.36 -15.00
N CYS A 408 -15.82 -4.56 -13.96
CA CYS A 408 -15.65 -3.12 -14.12
C CYS A 408 -14.36 -2.69 -14.81
N ILE A 409 -13.25 -3.33 -14.49
CA ILE A 409 -11.95 -3.00 -15.08
C ILE A 409 -11.92 -3.43 -16.54
N LEU A 410 -12.43 -4.61 -16.85
CA LEU A 410 -12.52 -5.07 -18.23
C LEU A 410 -13.43 -4.15 -19.04
N LEU A 411 -14.54 -3.67 -18.46
CA LEU A 411 -15.44 -2.74 -19.15
C LEU A 411 -14.85 -1.36 -19.26
N ASN A 412 -13.90 -1.01 -18.41
CA ASN A 412 -13.18 0.26 -18.52
C ASN A 412 -12.16 0.16 -19.63
N GLY A 413 -11.76 -1.05 -19.99
CA GLY A 413 -10.97 -1.32 -21.18
C GLY A 413 -11.72 -1.32 -22.48
N VAL A 414 -12.93 -1.84 -22.49
CA VAL A 414 -13.75 -1.91 -23.70
C VAL A 414 -14.44 -0.57 -24.03
N ILE A 415 -15.03 0.11 -23.06
CA ILE A 415 -15.76 1.34 -23.33
C ILE A 415 -14.84 2.41 -23.91
N PRO A 416 -15.30 3.17 -24.93
CA PRO A 416 -14.34 4.11 -25.53
C PRO A 416 -13.90 5.22 -24.60
N GLN A 417 -12.75 5.84 -24.88
CA GLN A 417 -12.22 6.89 -24.01
C GLN A 417 -13.11 8.12 -24.00
N ASP A 418 -13.79 8.41 -25.11
CA ASP A 418 -14.66 9.58 -25.21
C ASP A 418 -15.67 9.62 -24.07
N GLN A 419 -16.10 8.45 -23.61
CA GLN A 419 -17.07 8.38 -22.52
C GLN A 419 -16.37 8.53 -21.19
N SER A 420 -16.08 9.76 -20.79
CA SER A 420 -15.41 10.00 -19.52
C SER A 420 -16.21 9.60 -18.30
N ILE A 421 -17.51 9.89 -18.29
CA ILE A 421 -18.32 9.60 -17.11
C ILE A 421 -18.58 8.11 -16.92
N VAL A 422 -18.76 7.36 -18.00
CA VAL A 422 -19.00 5.93 -17.88
C VAL A 422 -17.71 5.29 -17.41
N ARG A 423 -16.58 5.66 -18.01
CA ARG A 423 -15.29 5.14 -17.60
C ARG A 423 -14.84 5.51 -16.20
N THR A 424 -15.11 6.74 -15.77
CA THR A 424 -14.73 7.18 -14.44
C THR A 424 -15.58 6.41 -13.44
N SER A 425 -16.90 6.35 -13.60
CA SER A 425 -17.79 5.67 -12.67
C SER A 425 -17.45 4.20 -12.51
N LEU A 426 -17.12 3.52 -13.60
CA LEU A 426 -16.74 2.12 -13.53
C LEU A 426 -15.38 1.91 -12.89
N ALA A 427 -14.43 2.81 -13.05
CA ALA A 427 -13.15 2.65 -12.37
C ALA A 427 -13.34 2.91 -10.90
N VAL A 428 -14.18 3.88 -10.58
CA VAL A 428 -14.46 4.22 -9.20
C VAL A 428 -15.09 3.05 -8.46
N LEU A 429 -16.12 2.46 -9.05
CA LEU A 429 -16.79 1.31 -8.46
C LEU A 429 -15.79 0.18 -8.32
N GLY A 430 -14.96 -0.04 -9.32
CA GLY A 430 -13.97 -1.11 -9.28
C GLY A 430 -12.96 -0.95 -8.19
N LYS A 431 -12.46 0.26 -7.99
CA LYS A 431 -11.52 0.52 -6.90
C LYS A 431 -12.17 0.31 -5.55
N GLY A 432 -13.43 0.69 -5.42
CA GLY A 432 -14.16 0.43 -4.19
C GLY A 432 -14.32 -1.03 -3.90
N CYS A 433 -14.60 -1.82 -4.94
CA CYS A 433 -14.73 -3.25 -4.76
C CYS A 433 -13.41 -3.90 -4.37
N LEU A 434 -12.28 -3.45 -4.91
CA LEU A 434 -10.97 -3.99 -4.52
C LEU A 434 -10.58 -3.54 -3.14
N ALA A 435 -11.09 -2.41 -2.66
CA ALA A 435 -10.84 -2.00 -1.28
C ALA A 435 -11.59 -2.93 -0.36
N ALA A 436 -12.81 -3.30 -0.74
CA ALA A 436 -13.60 -4.26 0.03
C ALA A 436 -12.92 -5.61 0.03
N SER A 437 -12.32 -6.03 -1.08
CA SER A 437 -11.61 -7.30 -1.16
C SER A 437 -10.43 -7.32 -0.22
N PHE A 438 -9.73 -6.21 -0.07
CA PHE A 438 -8.63 -6.13 0.88
C PHE A 438 -9.13 -6.31 2.31
N ASN A 439 -10.25 -5.69 2.65
CA ASN A 439 -10.83 -5.86 3.99
C ASN A 439 -11.33 -7.26 4.22
N CYS A 440 -11.97 -7.86 3.22
CA CYS A 440 -12.54 -9.18 3.38
C CYS A 440 -11.45 -10.23 3.43
N ILE A 441 -10.36 -10.07 2.69
CA ILE A 441 -9.28 -11.08 2.64
C ILE A 441 -8.47 -11.04 3.92
N PHE A 442 -8.36 -9.88 4.58
CA PHE A 442 -7.70 -9.84 5.88
C PHE A 442 -8.49 -10.60 6.95
N LEU A 443 -9.80 -10.52 6.91
CA LEU A 443 -10.62 -11.26 7.86
C LEU A 443 -10.74 -12.72 7.47
N TYR A 444 -11.05 -12.97 6.21
CA TYR A 444 -11.24 -14.34 5.76
C TYR A 444 -9.99 -15.17 5.97
N THR A 445 -8.82 -14.57 5.87
CA THR A 445 -7.58 -15.34 5.99
C THR A 445 -7.34 -15.81 7.42
N GLY A 446 -7.41 -14.91 8.38
CA GLY A 446 -7.23 -15.29 9.77
C GLY A 446 -8.18 -16.37 10.20
N GLU A 447 -9.40 -16.31 9.68
CA GLU A 447 -10.40 -17.29 10.04
C GLU A 447 -10.15 -18.63 9.43
N LEU A 448 -9.50 -18.64 8.28
CA LEU A 448 -9.26 -19.89 7.59
C LEU A 448 -8.11 -20.63 8.19
N TYR A 449 -7.06 -19.93 8.63
CA TYR A 449 -5.86 -20.63 9.12
C TYR A 449 -5.96 -21.14 10.56
N PRO A 450 -5.32 -22.31 10.87
CA PRO A 450 -5.31 -22.76 12.26
C PRO A 450 -4.41 -21.91 13.10
N THR A 451 -4.63 -21.88 14.40
CA THR A 451 -3.87 -20.99 15.28
C THR A 451 -2.34 -21.14 15.14
N MET A 452 -1.85 -22.35 14.95
CA MET A 452 -0.42 -22.56 14.80
C MET A 452 0.21 -21.78 13.65
N ILE A 453 -0.42 -21.81 12.47
CA ILE A 453 0.14 -21.17 11.28
C ILE A 453 -0.62 -19.91 10.86
N ARG A 454 -1.40 -19.35 11.78
CA ARG A 454 -2.22 -18.18 11.45
C ARG A 454 -1.40 -16.95 11.12
N GLN A 455 -0.43 -16.63 11.95
CA GLN A 455 0.35 -15.42 11.74
C GLN A 455 1.29 -15.60 10.57
N THR A 456 1.86 -16.78 10.41
CA THR A 456 2.70 -17.03 9.25
C THR A 456 1.83 -16.85 8.02
N GLY A 457 0.60 -17.34 8.07
CA GLY A 457 -0.28 -17.27 6.93
C GLY A 457 -0.75 -15.90 6.54
N MET A 458 -0.90 -15.01 7.51
CA MET A 458 -1.31 -13.64 7.21
C MET A 458 -0.10 -12.90 6.66
N GLY A 459 1.11 -13.19 7.14
CA GLY A 459 2.31 -12.63 6.56
C GLY A 459 2.60 -13.10 5.14
N MET A 460 2.41 -14.38 4.86
CA MET A 460 2.59 -14.87 3.49
C MET A 460 1.58 -14.27 2.56
N GLY A 461 0.36 -14.11 3.02
CA GLY A 461 -0.65 -13.47 2.20
C GLY A 461 -0.29 -12.03 1.91
N SER A 462 0.16 -11.28 2.90
CA SER A 462 0.58 -9.91 2.68
C SER A 462 1.79 -9.85 1.78
N THR A 463 2.68 -10.84 1.86
CA THR A 463 3.83 -10.90 0.96
C THR A 463 3.38 -11.07 -0.47
N MET A 464 2.38 -11.91 -0.70
CA MET A 464 1.86 -12.10 -2.04
C MET A 464 1.17 -10.83 -2.49
N ALA A 465 0.64 -10.04 -1.58
CA ALA A 465 0.05 -8.77 -1.98
C ALA A 465 1.14 -7.84 -2.45
N ARG A 466 2.27 -7.86 -1.78
CA ARG A 466 3.36 -7.00 -2.19
C ARG A 466 3.94 -7.47 -3.52
N VAL A 467 3.94 -8.78 -3.78
CA VAL A 467 4.42 -9.25 -5.08
C VAL A 467 3.47 -8.74 -6.15
N GLY A 468 2.20 -8.61 -5.83
CA GLY A 468 1.23 -8.07 -6.78
C GLY A 468 1.55 -6.64 -7.13
N SER A 469 1.96 -5.85 -6.15
CA SER A 469 2.27 -4.45 -6.41
C SER A 469 3.60 -4.26 -7.10
N ILE A 470 4.41 -5.30 -7.17
CA ILE A 470 5.68 -5.22 -7.89
C ILE A 470 5.41 -5.60 -9.33
N VAL A 471 4.54 -6.58 -9.52
CA VAL A 471 4.22 -7.07 -10.87
C VAL A 471 3.30 -6.13 -11.61
N SER A 472 2.47 -5.37 -10.90
CA SER A 472 1.52 -4.51 -11.59
C SER A 472 2.14 -3.43 -12.46
N PRO A 473 3.14 -2.67 -11.99
CA PRO A 473 3.72 -1.69 -12.91
C PRO A 473 4.38 -2.36 -14.11
N LEU A 474 4.94 -3.55 -13.95
CA LEU A 474 5.56 -4.26 -15.05
C LEU A 474 4.51 -4.60 -16.10
N VAL A 475 3.32 -5.00 -15.68
CA VAL A 475 2.24 -5.27 -16.62
C VAL A 475 1.81 -4.02 -17.35
N SER A 476 1.79 -2.89 -16.66
CA SER A 476 1.40 -1.62 -17.28
C SER A 476 2.35 -1.28 -18.40
N MET A 477 3.60 -1.70 -18.33
CA MET A 477 4.55 -1.45 -19.43
C MET A 477 4.17 -2.12 -20.75
N THR A 478 3.13 -2.94 -20.77
CA THR A 478 2.66 -3.60 -22.00
C THR A 478 1.68 -2.71 -22.76
N ALA A 479 1.46 -1.50 -22.28
CA ALA A 479 0.57 -0.56 -22.97
C ALA A 479 1.11 -0.29 -24.35
N GLU A 480 2.42 -0.29 -24.50
CA GLU A 480 3.04 -0.06 -25.80
C GLU A 480 2.60 -1.12 -26.79
N LEU A 481 2.53 -2.37 -26.34
CA LEU A 481 2.09 -3.45 -27.22
C LEU A 481 0.65 -3.25 -27.61
N TYR A 482 -0.19 -2.90 -26.64
CA TYR A 482 -1.60 -2.64 -26.91
C TYR A 482 -2.20 -1.69 -25.83
N PRO A 483 -2.83 -0.53 -26.21
CA PRO A 483 -3.31 0.41 -25.19
C PRO A 483 -4.21 -0.20 -24.14
N SER A 484 -4.98 -1.22 -24.51
CA SER A 484 -5.91 -1.81 -23.56
C SER A 484 -5.41 -3.12 -22.97
N MET A 485 -4.21 -3.59 -23.33
CA MET A 485 -3.68 -4.80 -22.71
C MET A 485 -3.45 -4.66 -21.23
N PRO A 486 -2.92 -3.53 -20.76
CA PRO A 486 -2.81 -3.45 -19.30
C PRO A 486 -4.15 -3.66 -18.60
N LEU A 487 -5.26 -3.06 -19.06
CA LEU A 487 -6.54 -3.17 -18.37
C LEU A 487 -7.14 -4.55 -18.52
N PHE A 488 -7.00 -5.19 -19.67
CA PHE A 488 -7.57 -6.50 -19.87
C PHE A 488 -6.94 -7.51 -18.92
N ILE A 489 -5.67 -7.32 -18.57
CA ILE A 489 -4.99 -8.21 -17.63
C ILE A 489 -5.35 -7.80 -16.21
N TYR A 490 -5.52 -6.49 -16.00
CA TYR A 490 -5.93 -6.01 -14.69
C TYR A 490 -7.33 -6.47 -14.36
N GLY A 491 -8.11 -6.82 -15.39
CA GLY A 491 -9.45 -7.33 -15.16
C GLY A 491 -9.56 -8.83 -15.12
N ALA A 492 -8.83 -9.53 -15.99
CA ALA A 492 -8.89 -10.97 -16.04
C ALA A 492 -8.36 -11.65 -14.80
N VAL A 493 -7.29 -11.12 -14.20
CA VAL A 493 -6.76 -11.70 -12.98
C VAL A 493 -7.75 -11.69 -11.80
N PRO A 494 -8.46 -10.57 -11.53
CA PRO A 494 -9.48 -10.67 -10.48
C PRO A 494 -10.65 -11.59 -10.83
N VAL A 495 -11.06 -11.68 -12.09
CA VAL A 495 -12.11 -12.60 -12.45
C VAL A 495 -11.66 -14.03 -12.17
N ALA A 496 -10.40 -14.36 -12.42
CA ALA A 496 -9.89 -15.70 -12.12
C ALA A 496 -9.78 -15.96 -10.64
N ALA A 497 -9.38 -14.96 -9.86
CA ALA A 497 -9.32 -15.09 -8.42
C ALA A 497 -10.70 -15.31 -7.82
N SER A 498 -11.72 -14.67 -8.36
CA SER A 498 -13.06 -14.88 -7.88
C SER A 498 -13.45 -16.33 -8.05
N ALA A 499 -13.04 -16.96 -9.14
CA ALA A 499 -13.34 -18.35 -9.35
C ALA A 499 -12.59 -19.20 -8.36
N VAL A 500 -11.39 -18.80 -7.96
CA VAL A 500 -10.63 -19.52 -6.90
C VAL A 500 -11.30 -19.50 -5.53
N THR A 501 -12.07 -18.46 -5.22
CA THR A 501 -12.67 -18.37 -3.89
C THR A 501 -13.62 -19.51 -3.67
N VAL A 502 -14.19 -20.06 -4.73
CA VAL A 502 -15.19 -21.11 -4.63
C VAL A 502 -14.59 -22.25 -3.86
N LEU A 503 -13.29 -22.50 -4.06
CA LEU A 503 -12.62 -23.61 -3.40
C LEU A 503 -12.50 -23.42 -1.90
N LEU A 504 -12.28 -22.19 -1.45
CA LEU A 504 -12.09 -21.91 -0.02
C LEU A 504 -13.37 -22.21 0.77
N PRO A 505 -13.26 -22.57 2.07
CA PRO A 505 -14.41 -22.92 2.91
C PRO A 505 -15.08 -21.78 3.69
N GLU A 506 -16.40 -21.73 3.75
CA GLU A 506 -17.08 -20.63 4.44
C GLU A 506 -16.74 -20.55 5.92
N THR A 507 -16.52 -19.35 6.43
CA THR A 507 -16.18 -19.15 7.83
C THR A 507 -17.21 -18.46 8.71
N LEU A 508 -18.37 -18.10 8.14
CA LEU A 508 -19.36 -17.37 8.93
C LEU A 508 -20.08 -18.26 9.92
N GLY A 509 -19.99 -17.92 11.20
CA GLY A 509 -20.59 -18.69 12.27
C GLY A 509 -19.82 -19.90 12.72
N GLN A 510 -18.63 -20.11 12.16
CA GLN A 510 -17.81 -21.25 12.56
C GLN A 510 -16.66 -20.80 13.46
N PRO A 511 -16.33 -21.58 14.51
CA PRO A 511 -15.26 -21.10 15.38
C PRO A 511 -13.90 -21.25 14.72
N LEU A 512 -12.91 -20.47 15.13
CA LEU A 512 -11.61 -20.49 14.47
C LEU A 512 -10.91 -21.85 14.66
N PRO A 513 -10.21 -22.37 13.62
CA PRO A 513 -9.63 -23.70 13.80
C PRO A 513 -8.39 -23.64 14.69
N ASP A 514 -8.09 -24.67 15.47
CA ASP A 514 -6.85 -24.70 16.28
C ASP A 514 -5.83 -25.69 15.74
N THR A 515 -6.26 -26.71 14.99
CA THR A 515 -5.37 -27.72 14.43
C THR A 515 -5.64 -27.97 12.97
N VAL A 516 -4.76 -28.72 12.32
CA VAL A 516 -4.99 -29.09 10.94
C VAL A 516 -6.23 -29.96 10.89
N GLN A 517 -6.41 -30.83 11.87
CA GLN A 517 -7.56 -31.72 11.90
C GLN A 517 -8.87 -30.96 11.74
N ASP A 518 -8.97 -29.79 12.36
CA ASP A 518 -10.16 -28.94 12.23
C ASP A 518 -10.32 -28.45 10.81
N LEU A 519 -9.26 -27.99 10.17
CA LEU A 519 -9.40 -27.61 8.78
C LEU A 519 -9.91 -28.81 8.04
N GLU A 520 -9.36 -29.98 8.33
CA GLU A 520 -9.73 -31.18 7.60
C GLU A 520 -11.19 -31.56 7.80
N SER A 521 -11.67 -31.42 9.03
CA SER A 521 -13.06 -31.75 9.32
C SER A 521 -13.98 -30.83 8.52
N ARG A 522 -13.54 -29.60 8.27
CA ARG A 522 -14.33 -28.67 7.46
C ARG A 522 -14.28 -29.10 6.01
#